data_2ICJ
#
_entry.id   2ICJ
#
_cell.length_a   40.831
_cell.length_b   47.391
_cell.length_c   116.619
_cell.angle_alpha   90.00
_cell.angle_beta   90.00
_cell.angle_gamma   90.00
#
_symmetry.space_group_name_H-M   'P 21 21 21'
#
loop_
_entity.id
_entity.type
_entity.pdbx_description
1 polymer 'Isopentenyl-diphosphate delta isomerase'
2 non-polymer 'MAGNESIUM ION'
3 non-polymer 'SULFATE ION'
4 water water
#
_entity_poly.entity_id   1
_entity_poly.type   'polypeptide(L)'
_entity_poly.pdbx_seq_one_letter_code
;GPLGSMMPEINTNHLDKQQVQLLAEMCILIDENDNKIGAETKKNCHLNENIEKGLLHRAFSVFLFNTENKLLLQQRSDAK
ITFPGCFTNTCCSHPLSNPAELEESDALGVRRAAQRRLKAELGIPLEEVPPEEINYLTRIHYKAQSDGIWGEHEIDYILL
VRKNVTLNPDPNEIKSYCYVSKEELKELLKKAASGEIKITPWFKIIAATFLFKWWDNLNHLNQFVDHEKIYRM
;
_entity_poly.pdbx_strand_id   A
#
loop_
_chem_comp.id
_chem_comp.type
_chem_comp.name
_chem_comp.formula
MG non-polymer 'MAGNESIUM ION' 'Mg 2'
SO4 non-polymer 'SULFATE ION' 'O4 S -2'
#
# COMPACT_ATOMS: atom_id res chain seq x y z
N LEU A 15 8.92 0.12 21.22
CA LEU A 15 8.00 0.34 20.06
C LEU A 15 6.57 0.61 20.54
N ASP A 16 5.77 1.29 19.72
CA ASP A 16 4.39 1.61 20.07
C ASP A 16 3.59 0.34 20.35
N LYS A 17 2.80 0.33 21.43
CA LYS A 17 2.04 -0.89 21.77
C LYS A 17 1.00 -1.32 20.72
N GLN A 18 0.19 -0.38 20.23
CA GLN A 18 -0.82 -0.71 19.22
C GLN A 18 -0.15 -1.34 17.99
N GLN A 19 0.96 -0.76 17.55
CA GLN A 19 1.65 -1.30 16.35
C GLN A 19 2.30 -2.63 16.68
N VAL A 20 2.83 -2.77 17.89
CA VAL A 20 3.40 -4.06 18.27
C VAL A 20 2.31 -5.15 18.22
N GLN A 21 1.10 -4.83 18.64
CA GLN A 21 0.01 -5.80 18.59
C GLN A 21 -0.29 -6.25 17.16
N LEU A 22 -0.19 -5.33 16.18
CA LEU A 22 -0.44 -5.70 14.78
C LEU A 22 0.68 -6.62 14.22
N LEU A 23 1.85 -6.65 14.86
CA LEU A 23 2.94 -7.53 14.39
C LEU A 23 2.53 -9.03 14.44
N ALA A 24 1.50 -9.34 15.22
CA ALA A 24 1.07 -10.74 15.30
C ALA A 24 0.11 -11.18 14.21
N GLU A 25 -0.31 -10.24 13.37
CA GLU A 25 -1.23 -10.55 12.23
C GLU A 25 -0.57 -11.57 11.32
N MET A 26 -1.37 -12.49 10.76
CA MET A 26 -0.85 -13.52 9.86
C MET A 26 -0.97 -13.07 8.39
N CYS A 27 0.21 -12.95 7.75
CA CYS A 27 0.35 -12.52 6.36
C CYS A 27 0.37 -13.74 5.48
N ILE A 28 0.15 -13.48 4.19
CA ILE A 28 0.15 -14.59 3.23
C ILE A 28 1.54 -14.70 2.57
N LEU A 29 2.24 -15.82 2.75
CA LEU A 29 3.55 -16.03 2.12
C LEU A 29 3.31 -16.49 0.69
N ILE A 30 4.15 -16.02 -0.22
CA ILE A 30 4.01 -16.37 -1.63
C ILE A 30 5.33 -16.67 -2.23
N ASP A 31 5.28 -17.38 -3.38
CA ASP A 31 6.51 -17.55 -4.13
C ASP A 31 6.67 -16.35 -5.04
N GLU A 32 7.72 -16.33 -5.88
CA GLU A 32 7.93 -15.18 -6.72
C GLU A 32 6.96 -14.93 -7.83
N ASN A 33 6.05 -15.87 -8.05
CA ASN A 33 5.02 -15.71 -9.06
C ASN A 33 3.67 -15.48 -8.36
N ASP A 34 3.73 -15.09 -7.09
CA ASP A 34 2.52 -14.76 -6.34
C ASP A 34 1.59 -15.96 -6.12
N ASN A 35 2.17 -17.17 -6.01
CA ASN A 35 1.34 -18.32 -5.67
C ASN A 35 1.43 -18.45 -4.15
N LYS A 36 0.31 -18.62 -3.47
CA LYS A 36 0.37 -18.78 -1.99
C LYS A 36 1.13 -20.08 -1.61
N ILE A 37 2.08 -19.98 -0.68
CA ILE A 37 2.87 -21.13 -0.21
C ILE A 37 2.86 -21.25 1.33
N GLY A 38 2.21 -20.33 2.02
CA GLY A 38 2.18 -20.47 3.47
C GLY A 38 1.68 -19.22 4.19
N ALA A 39 1.92 -19.14 5.49
CA ALA A 39 1.48 -17.97 6.28
C ALA A 39 2.54 -17.72 7.34
N GLU A 40 2.69 -16.47 7.70
CA GLU A 40 3.69 -16.07 8.70
C GLU A 40 3.31 -14.76 9.30
N THR A 41 3.75 -14.49 10.53
CA THR A 41 3.36 -13.25 11.16
C THR A 41 3.97 -12.03 10.46
N LYS A 42 3.28 -10.90 10.61
CA LYS A 42 3.71 -9.61 10.02
C LYS A 42 5.12 -9.32 10.56
N LYS A 43 5.35 -9.56 11.85
CA LYS A 43 6.71 -9.33 12.40
C LYS A 43 7.79 -10.09 11.59
N ASN A 44 7.61 -11.40 11.44
CA ASN A 44 8.59 -12.20 10.75
C ASN A 44 8.74 -11.86 9.27
N CYS A 45 7.65 -11.47 8.62
CA CYS A 45 7.68 -11.06 7.21
C CYS A 45 8.40 -9.73 7.01
N HIS A 46 8.59 -8.95 8.09
CA HIS A 46 9.26 -7.66 7.95
C HIS A 46 10.64 -7.60 8.61
N LEU A 47 11.16 -8.76 9.01
CA LEU A 47 12.49 -8.75 9.58
C LEU A 47 13.47 -8.95 8.41
N ASN A 48 14.46 -8.06 8.31
CA ASN A 48 15.48 -8.18 7.26
C ASN A 48 16.19 -9.54 7.23
N GLU A 49 16.44 -10.13 8.40
CA GLU A 49 17.10 -11.43 8.48
C GLU A 49 16.30 -12.53 7.81
N ASN A 50 14.96 -12.39 7.82
CA ASN A 50 14.13 -13.37 7.12
C ASN A 50 14.02 -13.01 5.64
N ILE A 51 13.96 -11.72 5.34
CA ILE A 51 13.89 -11.26 3.94
C ILE A 51 15.16 -11.64 3.16
N GLU A 52 16.30 -11.57 3.84
CA GLU A 52 17.62 -11.89 3.25
C GLU A 52 17.63 -13.34 2.79
N LYS A 53 16.78 -14.14 3.40
CA LYS A 53 16.65 -15.56 3.01
C LYS A 53 15.53 -15.79 2.03
N GLY A 54 14.93 -14.71 1.57
CA GLY A 54 13.88 -14.78 0.55
C GLY A 54 12.41 -14.74 0.98
N LEU A 55 12.13 -14.55 2.28
CA LEU A 55 10.73 -14.57 2.70
C LEU A 55 9.99 -13.45 1.98
N LEU A 56 8.86 -13.79 1.39
CA LEU A 56 8.12 -12.82 0.55
C LEU A 56 6.63 -12.94 0.82
N HIS A 57 5.93 -11.79 0.94
CA HIS A 57 4.50 -11.89 1.21
C HIS A 57 3.69 -11.03 0.27
N ARG A 58 2.38 -11.27 0.21
CA ARG A 58 1.48 -10.55 -0.67
C ARG A 58 1.07 -9.25 0.01
N ALA A 59 0.95 -8.19 -0.77
CA ALA A 59 0.54 -6.92 -0.15
C ALA A 59 -0.28 -6.13 -1.18
N PHE A 60 -0.72 -4.93 -0.79
CA PHE A 60 -1.43 -4.06 -1.74
C PHE A 60 -1.16 -2.59 -1.43
N SER A 61 -1.39 -1.75 -2.43
CA SER A 61 -1.19 -0.29 -2.30
C SER A 61 -2.36 0.36 -2.97
N VAL A 62 -3.07 1.23 -2.23
CA VAL A 62 -4.23 1.90 -2.80
C VAL A 62 -3.85 3.32 -3.22
N PHE A 63 -4.36 3.74 -4.38
CA PHE A 63 -4.19 5.10 -4.85
C PHE A 63 -5.63 5.58 -5.01
N LEU A 64 -6.06 6.50 -4.13
CA LEU A 64 -7.44 7.00 -4.13
C LEU A 64 -7.47 8.44 -4.65
N PHE A 65 -8.31 8.66 -5.66
CA PHE A 65 -8.45 10.00 -6.30
C PHE A 65 -9.86 10.50 -6.10
N ASN A 66 -10.01 11.82 -5.94
CA ASN A 66 -11.36 12.35 -5.80
C ASN A 66 -11.80 12.92 -7.13
N THR A 67 -12.98 13.57 -7.15
CA THR A 67 -13.49 14.17 -8.37
C THR A 67 -12.64 15.28 -8.91
N GLU A 68 -11.91 15.98 -8.06
CA GLU A 68 -11.02 17.04 -8.55
C GLU A 68 -9.73 16.45 -9.07
N ASN A 69 -9.70 15.13 -9.16
CA ASN A 69 -8.51 14.40 -9.62
C ASN A 69 -7.26 14.61 -8.80
N LYS A 70 -7.49 14.78 -7.50
CA LYS A 70 -6.41 14.92 -6.58
C LYS A 70 -6.22 13.55 -5.93
N LEU A 71 -4.95 13.22 -5.68
CA LEU A 71 -4.60 11.95 -5.02
C LEU A 71 -4.50 12.16 -3.52
N LEU A 72 -5.05 11.22 -2.74
CA LEU A 72 -5.02 11.26 -1.30
C LEU A 72 -3.75 10.64 -0.72
N LEU A 73 -2.92 11.48 -0.14
CA LEU A 73 -1.70 10.95 0.46
C LEU A 73 -1.84 10.91 2.00
N GLN A 74 -1.00 10.10 2.63
CA GLN A 74 -0.97 10.12 4.09
C GLN A 74 0.49 10.25 4.50
N GLN A 75 0.74 10.76 5.71
CA GLN A 75 2.08 10.79 6.23
C GLN A 75 1.99 9.73 7.34
N ARG A 76 2.80 8.68 7.28
CA ARG A 76 2.77 7.67 8.31
C ARG A 76 3.04 8.25 9.71
N SER A 77 2.36 7.74 10.73
CA SER A 77 2.60 8.21 12.09
C SER A 77 4.00 7.84 12.57
N ASP A 78 4.46 8.42 13.68
CA ASP A 78 5.75 8.09 14.19
C ASP A 78 5.73 6.75 14.88
N ALA A 79 4.53 6.20 15.08
CA ALA A 79 4.40 4.89 15.73
C ALA A 79 4.65 3.73 14.76
N LYS A 80 4.60 3.98 13.46
CA LYS A 80 4.79 2.89 12.52
C LYS A 80 6.20 2.32 12.68
N ILE A 81 6.30 0.99 12.72
CA ILE A 81 7.61 0.36 12.91
C ILE A 81 8.53 0.47 11.67
N THR A 82 7.96 0.39 10.48
CA THR A 82 8.73 0.60 9.26
C THR A 82 8.36 1.98 8.70
N PHE A 83 9.35 2.70 8.20
CA PHE A 83 9.20 4.04 7.60
C PHE A 83 8.28 5.03 8.35
N PRO A 84 8.54 5.21 9.64
CA PRO A 84 7.69 6.15 10.39
C PRO A 84 7.85 7.57 9.83
N GLY A 85 6.78 8.36 9.88
CA GLY A 85 6.82 9.74 9.42
C GLY A 85 6.98 10.01 7.93
N CYS A 86 6.94 8.95 7.12
CA CYS A 86 7.12 9.07 5.68
C CYS A 86 5.81 9.29 4.96
N PHE A 87 5.83 10.17 3.96
CA PHE A 87 4.67 10.40 3.12
C PHE A 87 4.56 9.25 2.14
N THR A 88 3.33 8.87 1.82
CA THR A 88 3.09 7.73 0.93
C THR A 88 1.71 7.84 0.31
N ASN A 89 1.37 6.89 -0.55
CA ASN A 89 0.04 6.91 -1.17
C ASN A 89 -1.03 6.55 -0.13
N THR A 90 -2.28 6.48 -0.58
CA THR A 90 -3.43 6.36 0.29
C THR A 90 -3.39 5.30 1.36
N CYS A 91 -3.03 4.09 0.97
CA CYS A 91 -2.99 3.02 1.97
C CYS A 91 -2.06 1.94 1.46
N CYS A 92 -1.20 1.40 2.33
CA CYS A 92 -0.31 0.32 1.88
C CYS A 92 -0.36 -0.68 3.02
N SER A 93 -0.86 -1.89 2.75
CA SER A 93 -0.94 -2.89 3.78
C SER A 93 -0.94 -4.26 3.18
N HIS A 94 -1.60 -5.22 3.82
CA HIS A 94 -1.59 -6.54 3.23
C HIS A 94 -2.79 -7.34 3.60
N PRO A 95 -3.14 -8.34 2.76
CA PRO A 95 -4.28 -9.20 3.05
C PRO A 95 -3.83 -10.16 4.14
N LEU A 96 -4.80 -10.62 4.94
CA LEU A 96 -4.46 -11.57 6.00
C LEU A 96 -4.71 -12.99 5.51
N SER A 97 -4.06 -13.93 6.21
CA SER A 97 -4.24 -15.32 5.89
C SER A 97 -5.50 -15.80 6.62
N ASN A 98 -6.66 -15.43 6.08
CA ASN A 98 -7.93 -15.94 6.61
C ASN A 98 -8.75 -16.23 5.36
N PRO A 99 -9.85 -16.97 5.52
CA PRO A 99 -10.63 -17.30 4.33
C PRO A 99 -11.10 -16.17 3.46
N ALA A 100 -11.51 -15.07 4.06
CA ALA A 100 -11.98 -13.93 3.28
C ALA A 100 -10.87 -13.29 2.44
N GLU A 101 -9.69 -13.12 3.06
CA GLU A 101 -8.63 -12.42 2.31
C GLU A 101 -7.66 -13.25 1.52
N LEU A 102 -7.76 -14.58 1.65
CA LEU A 102 -6.94 -15.47 0.83
C LEU A 102 -7.63 -15.65 -0.54
N GLU A 103 -8.92 -15.31 -0.62
CA GLU A 103 -9.71 -15.48 -1.88
C GLU A 103 -8.98 -14.92 -3.11
N GLU A 104 -8.69 -15.77 -4.10
CA GLU A 104 -7.96 -15.33 -5.26
C GLU A 104 -8.82 -14.87 -6.42
N SER A 105 -10.08 -15.28 -6.43
CA SER A 105 -10.98 -14.94 -7.55
C SER A 105 -11.10 -13.44 -7.75
N ASP A 106 -10.65 -12.95 -8.91
CA ASP A 106 -10.72 -11.52 -9.24
C ASP A 106 -10.02 -10.67 -8.16
N ALA A 107 -8.96 -11.22 -7.57
CA ALA A 107 -8.25 -10.53 -6.48
C ALA A 107 -9.20 -10.06 -5.34
N LEU A 108 -10.31 -10.77 -5.12
CA LEU A 108 -11.28 -10.31 -4.12
C LEU A 108 -10.69 -10.24 -2.70
N GLY A 109 -9.81 -11.18 -2.34
CA GLY A 109 -9.18 -11.16 -1.01
C GLY A 109 -8.42 -9.87 -0.77
N VAL A 110 -7.60 -9.47 -1.73
CA VAL A 110 -6.83 -8.23 -1.66
C VAL A 110 -7.78 -7.03 -1.63
N ARG A 111 -8.85 -7.07 -2.44
CA ARG A 111 -9.79 -5.93 -2.43
C ARG A 111 -10.51 -5.81 -1.06
N ARG A 112 -10.88 -6.94 -0.48
CA ARG A 112 -11.48 -6.95 0.84
C ARG A 112 -10.51 -6.41 1.87
N ALA A 113 -9.25 -6.78 1.74
CA ALA A 113 -8.27 -6.29 2.72
C ALA A 113 -8.07 -4.77 2.58
N ALA A 114 -8.14 -4.26 1.35
CA ALA A 114 -7.99 -2.82 1.09
C ALA A 114 -9.19 -2.11 1.73
N GLN A 115 -10.41 -2.63 1.53
CA GLN A 115 -11.60 -2.03 2.16
C GLN A 115 -11.39 -1.99 3.69
N ARG A 116 -10.92 -3.10 4.26
CA ARG A 116 -10.75 -3.18 5.71
C ARG A 116 -9.73 -2.15 6.24
N ARG A 117 -8.59 -2.01 5.55
CA ARG A 117 -7.54 -1.11 5.99
C ARG A 117 -7.85 0.31 5.70
N LEU A 118 -8.65 0.56 4.67
CA LEU A 118 -9.00 1.96 4.40
C LEU A 118 -9.85 2.47 5.58
N LYS A 119 -10.72 1.59 6.12
CA LYS A 119 -11.52 1.93 7.31
C LYS A 119 -10.62 2.02 8.53
N ALA A 120 -9.75 1.04 8.72
CA ALA A 120 -8.89 1.10 9.92
C ALA A 120 -7.92 2.27 9.97
N GLU A 121 -7.32 2.63 8.85
CA GLU A 121 -6.34 3.68 8.87
C GLU A 121 -6.87 5.08 8.70
N LEU A 122 -7.75 5.22 7.71
CA LEU A 122 -8.28 6.53 7.32
C LEU A 122 -9.71 6.79 7.82
N GLY A 123 -10.33 5.80 8.44
CA GLY A 123 -11.68 6.03 8.92
C GLY A 123 -12.71 6.09 7.79
N ILE A 124 -12.36 5.59 6.62
CA ILE A 124 -13.33 5.58 5.50
C ILE A 124 -14.37 4.50 5.78
N PRO A 125 -15.67 4.83 5.76
CA PRO A 125 -16.69 3.80 6.05
C PRO A 125 -16.58 2.62 5.11
N LEU A 126 -16.75 1.40 5.61
CA LEU A 126 -16.69 0.19 4.77
C LEU A 126 -17.61 0.34 3.58
N GLU A 127 -18.79 0.92 3.81
CA GLU A 127 -19.75 1.08 2.75
C GLU A 127 -19.37 2.00 1.58
N GLU A 128 -18.38 2.86 1.77
CA GLU A 128 -17.96 3.79 0.73
C GLU A 128 -16.97 3.14 -0.21
N VAL A 129 -16.25 2.14 0.31
CA VAL A 129 -15.25 1.44 -0.47
C VAL A 129 -15.37 -0.09 -0.56
N PRO A 130 -16.54 -0.59 -0.98
CA PRO A 130 -16.75 -2.03 -1.11
C PRO A 130 -15.81 -2.51 -2.24
N PRO A 131 -15.56 -3.80 -2.27
CA PRO A 131 -14.65 -4.32 -3.30
C PRO A 131 -14.96 -3.91 -4.72
N GLU A 132 -16.24 -3.73 -5.03
CA GLU A 132 -16.60 -3.35 -6.40
C GLU A 132 -16.15 -1.92 -6.81
N GLU A 133 -15.72 -1.15 -5.82
CA GLU A 133 -15.21 0.21 -6.04
C GLU A 133 -13.70 0.18 -6.17
N ILE A 134 -13.08 -0.98 -5.93
CA ILE A 134 -11.61 -1.06 -5.89
C ILE A 134 -11.09 -1.77 -7.13
N ASN A 135 -10.35 -1.01 -7.95
CA ASN A 135 -9.83 -1.45 -9.25
C ASN A 135 -8.43 -2.01 -9.16
N TYR A 136 -8.30 -3.31 -9.37
CA TYR A 136 -6.98 -3.96 -9.37
C TYR A 136 -6.31 -3.75 -10.74
N LEU A 137 -5.19 -3.03 -10.76
CA LEU A 137 -4.49 -2.72 -12.01
C LEU A 137 -3.40 -3.71 -12.35
N THR A 138 -2.37 -3.83 -11.50
CA THR A 138 -1.30 -4.80 -11.80
C THR A 138 -0.52 -5.11 -10.51
N ARG A 139 0.57 -5.85 -10.62
CA ARG A 139 1.37 -6.20 -9.44
C ARG A 139 2.81 -5.78 -9.62
N ILE A 140 3.46 -5.37 -8.53
CA ILE A 140 4.87 -4.96 -8.58
C ILE A 140 5.59 -5.68 -7.46
N HIS A 141 6.78 -6.19 -7.77
CA HIS A 141 7.60 -6.91 -6.78
C HIS A 141 8.75 -5.99 -6.37
N TYR A 142 8.95 -5.75 -5.07
CA TYR A 142 10.07 -4.90 -4.64
C TYR A 142 10.57 -5.33 -3.24
N LYS A 143 11.78 -4.87 -2.93
CA LYS A 143 12.41 -5.16 -1.63
C LYS A 143 13.05 -3.85 -1.14
N ALA A 144 12.97 -3.60 0.17
CA ALA A 144 13.57 -2.39 0.75
C ALA A 144 13.91 -2.67 2.19
N GLN A 145 14.75 -1.78 2.75
CA GLN A 145 15.06 -1.84 4.19
C GLN A 145 14.68 -0.50 4.83
N SER A 146 14.01 -0.55 5.98
CA SER A 146 13.62 0.63 6.70
C SER A 146 14.80 1.01 7.62
N ASP A 147 15.36 0.03 8.33
CA ASP A 147 16.56 0.23 9.16
C ASP A 147 17.36 -1.07 9.23
N GLY A 148 18.24 -1.21 10.21
CA GLY A 148 19.00 -2.40 10.22
C GLY A 148 18.21 -3.64 10.57
N ILE A 149 17.06 -3.47 11.20
CA ILE A 149 16.26 -4.62 11.64
C ILE A 149 15.05 -4.89 10.73
N TRP A 150 14.35 -3.84 10.41
CA TRP A 150 13.08 -3.97 9.64
C TRP A 150 13.16 -3.63 8.18
N GLY A 151 12.30 -4.27 7.39
CA GLY A 151 12.29 -3.95 5.97
C GLY A 151 11.02 -4.50 5.31
N GLU A 152 11.02 -4.51 3.98
CA GLU A 152 9.85 -4.98 3.19
C GLU A 152 10.24 -5.89 2.07
N HIS A 153 9.38 -6.83 1.75
CA HIS A 153 9.67 -7.67 0.58
C HIS A 153 8.29 -8.18 0.20
N GLU A 154 7.77 -7.63 -0.88
CA GLU A 154 6.40 -8.04 -1.26
C GLU A 154 6.12 -8.03 -2.73
N ILE A 155 5.01 -8.66 -3.08
CA ILE A 155 4.45 -8.50 -4.42
C ILE A 155 3.19 -7.73 -4.07
N ASP A 156 3.17 -6.49 -4.55
CA ASP A 156 2.15 -5.53 -4.23
C ASP A 156 1.11 -5.40 -5.34
N TYR A 157 -0.15 -5.57 -4.97
CA TYR A 157 -1.28 -5.42 -5.90
C TYR A 157 -1.61 -3.94 -5.90
N ILE A 158 -1.51 -3.29 -7.05
CA ILE A 158 -1.82 -1.84 -7.15
C ILE A 158 -3.34 -1.71 -7.37
N LEU A 159 -3.98 -0.98 -6.47
CA LEU A 159 -5.42 -0.77 -6.50
C LEU A 159 -5.74 0.72 -6.65
N LEU A 160 -6.77 1.02 -7.44
CA LEU A 160 -7.16 2.40 -7.65
C LEU A 160 -8.62 2.60 -7.24
N VAL A 161 -8.89 3.70 -6.57
CA VAL A 161 -10.25 4.02 -6.13
C VAL A 161 -10.51 5.43 -6.61
N ARG A 162 -11.74 5.72 -7.06
CA ARG A 162 -12.07 7.10 -7.49
C ARG A 162 -13.37 7.42 -6.75
N LYS A 163 -13.27 8.21 -5.70
CA LYS A 163 -14.47 8.53 -4.93
C LYS A 163 -14.21 9.63 -3.93
N ASN A 164 -15.24 10.41 -3.60
CA ASN A 164 -15.08 11.48 -2.62
C ASN A 164 -15.45 10.96 -1.25
N VAL A 165 -14.53 10.22 -0.66
CA VAL A 165 -14.80 9.59 0.63
C VAL A 165 -14.85 10.54 1.81
N THR A 166 -15.34 10.04 2.95
CA THR A 166 -15.29 10.79 4.19
C THR A 166 -14.09 10.18 4.93
N LEU A 167 -13.45 10.99 5.77
CA LEU A 167 -12.27 10.59 6.52
C LEU A 167 -12.39 10.81 8.03
N ASN A 168 -11.82 9.88 8.78
CA ASN A 168 -11.78 9.96 10.25
C ASN A 168 -10.58 9.09 10.59
N PRO A 169 -9.35 9.55 10.22
CA PRO A 169 -8.15 8.74 10.48
C PRO A 169 -7.76 8.41 11.89
N ASP A 170 -7.10 7.27 12.04
CA ASP A 170 -6.59 6.84 13.35
C ASP A 170 -5.19 7.44 13.49
N PRO A 171 -4.97 8.36 14.47
CA PRO A 171 -3.65 9.00 14.65
C PRO A 171 -2.50 8.02 14.98
N ASN A 172 -2.87 6.82 15.43
CA ASN A 172 -1.88 5.80 15.69
C ASN A 172 -1.27 5.36 14.36
N GLU A 173 -2.05 5.47 13.28
CA GLU A 173 -1.65 5.05 11.93
C GLU A 173 -1.04 6.15 11.10
N ILE A 174 -1.66 7.32 11.12
CA ILE A 174 -1.18 8.42 10.32
C ILE A 174 -1.13 9.71 11.09
N LYS A 175 -0.11 10.53 10.81
CA LYS A 175 -0.06 11.79 11.51
C LYS A 175 -0.61 12.92 10.66
N SER A 176 -1.03 12.60 9.44
CA SER A 176 -1.60 13.65 8.60
C SER A 176 -1.99 13.11 7.25
N TYR A 177 -2.86 13.84 6.54
CA TYR A 177 -3.26 13.40 5.18
C TYR A 177 -3.47 14.66 4.37
N CYS A 178 -3.45 14.53 3.05
CA CYS A 178 -3.67 15.65 2.16
C CYS A 178 -3.96 15.19 0.74
N TYR A 179 -4.87 15.90 0.08
CA TYR A 179 -5.18 15.64 -1.31
C TYR A 179 -4.22 16.53 -2.09
N VAL A 180 -3.57 15.96 -3.11
CA VAL A 180 -2.63 16.72 -3.92
C VAL A 180 -2.91 16.64 -5.41
N SER A 181 -2.64 17.76 -6.09
CA SER A 181 -2.76 17.76 -7.54
C SER A 181 -1.42 17.21 -8.04
N LYS A 182 -1.30 17.03 -9.36
CA LYS A 182 -0.05 16.53 -9.93
C LYS A 182 1.11 17.48 -9.64
N GLU A 183 0.89 18.78 -9.84
CA GLU A 183 1.95 19.74 -9.59
C GLU A 183 2.36 19.68 -8.13
N GLU A 184 1.37 19.56 -7.23
CA GLU A 184 1.69 19.51 -5.81
C GLU A 184 2.49 18.27 -5.45
N LEU A 185 2.20 17.15 -6.11
CA LEU A 185 2.97 15.92 -5.81
C LEU A 185 4.41 16.18 -6.27
N LYS A 186 4.56 16.83 -7.42
CA LYS A 186 5.92 17.12 -7.93
C LYS A 186 6.76 17.95 -6.98
N GLU A 187 6.14 18.95 -6.35
CA GLU A 187 6.83 19.79 -5.38
C GLU A 187 7.15 18.95 -4.14
N LEU A 188 6.26 18.00 -3.83
CA LEU A 188 6.47 17.13 -2.68
C LEU A 188 7.70 16.26 -2.91
N LEU A 189 7.77 15.67 -4.09
CA LEU A 189 8.90 14.82 -4.43
C LEU A 189 10.21 15.61 -4.45
N LYS A 190 10.16 16.88 -4.85
CA LYS A 190 11.38 17.68 -4.85
C LYS A 190 11.90 17.85 -3.43
N LYS A 191 10.99 18.13 -2.50
CA LYS A 191 11.32 18.32 -1.09
C LYS A 191 11.83 17.04 -0.46
N ALA A 192 11.48 15.91 -1.06
CA ALA A 192 11.94 14.64 -0.53
C ALA A 192 13.37 14.42 -1.02
N ALA A 193 13.68 14.97 -2.19
CA ALA A 193 15.02 14.79 -2.73
C ALA A 193 15.99 15.65 -1.96
N SER A 194 15.50 16.76 -1.40
CA SER A 194 16.35 17.65 -0.64
C SER A 194 16.51 17.17 0.80
N GLY A 195 15.73 16.17 1.19
CA GLY A 195 15.81 15.66 2.56
C GLY A 195 14.88 16.40 3.49
N GLU A 196 14.16 17.36 2.93
CA GLU A 196 13.20 18.17 3.67
C GLU A 196 12.18 17.24 4.31
N ILE A 197 11.68 16.28 3.52
CA ILE A 197 10.72 15.29 3.98
C ILE A 197 11.16 13.92 3.50
N LYS A 198 10.50 12.87 3.98
CA LYS A 198 10.84 11.52 3.56
C LYS A 198 9.62 10.88 2.92
N ILE A 199 9.86 9.94 2.00
CA ILE A 199 8.81 9.16 1.34
C ILE A 199 9.18 7.70 1.45
N THR A 200 8.19 6.82 1.29
CA THR A 200 8.42 5.38 1.36
C THR A 200 9.02 4.87 0.06
N PRO A 201 9.67 3.69 0.11
CA PRO A 201 10.24 3.20 -1.16
C PRO A 201 9.20 2.82 -2.21
N TRP A 202 8.08 2.22 -1.79
CA TRP A 202 7.07 1.79 -2.73
C TRP A 202 6.40 3.00 -3.40
N PHE A 203 6.33 4.12 -2.68
CA PHE A 203 5.72 5.32 -3.25
C PHE A 203 6.73 5.89 -4.23
N LYS A 204 7.99 5.93 -3.82
CA LYS A 204 9.06 6.45 -4.68
C LYS A 204 9.11 5.67 -5.99
N ILE A 205 9.06 4.34 -5.90
CA ILE A 205 9.11 3.50 -7.09
C ILE A 205 7.92 3.76 -8.01
N ILE A 206 6.72 3.75 -7.45
CA ILE A 206 5.55 3.95 -8.27
C ILE A 206 5.45 5.33 -8.87
N ALA A 207 5.82 6.36 -8.13
CA ALA A 207 5.74 7.72 -8.69
C ALA A 207 6.74 7.87 -9.84
N ALA A 208 7.81 7.11 -9.77
CA ALA A 208 8.85 7.22 -10.78
C ALA A 208 8.58 6.39 -11.99
N THR A 209 7.59 5.50 -11.91
CA THR A 209 7.30 4.62 -13.02
C THR A 209 5.94 4.68 -13.64
N PHE A 210 4.92 4.27 -12.91
CA PHE A 210 3.61 4.23 -13.49
C PHE A 210 2.64 5.33 -13.04
N LEU A 211 2.86 5.93 -11.88
CA LEU A 211 1.88 6.84 -11.31
C LEU A 211 1.30 7.90 -12.23
N PHE A 212 2.16 8.75 -12.80
CA PHE A 212 1.65 9.81 -13.65
C PHE A 212 1.00 9.27 -14.93
N LYS A 213 1.38 8.06 -15.33
CA LYS A 213 0.79 7.43 -16.50
C LYS A 213 -0.70 7.11 -16.20
N TRP A 214 -0.96 6.48 -15.06
CA TRP A 214 -2.34 6.17 -14.67
C TRP A 214 -3.14 7.44 -14.43
N TRP A 215 -2.50 8.41 -13.75
CA TRP A 215 -3.16 9.68 -13.39
C TRP A 215 -3.65 10.41 -14.65
N ASP A 216 -2.96 10.22 -15.77
CA ASP A 216 -3.41 10.89 -17.00
C ASP A 216 -4.54 10.18 -17.70
N ASN A 217 -4.83 8.96 -17.27
CA ASN A 217 -5.87 8.18 -17.91
C ASN A 217 -6.85 7.60 -16.89
N LEU A 218 -7.18 8.37 -15.87
CA LEU A 218 -8.11 7.88 -14.82
C LEU A 218 -9.42 7.36 -15.40
N ASN A 219 -9.83 7.89 -16.56
CA ASN A 219 -11.09 7.48 -17.20
C ASN A 219 -10.96 6.31 -18.17
N HIS A 220 -9.73 5.91 -18.47
CA HIS A 220 -9.50 4.82 -19.40
C HIS A 220 -8.31 4.00 -18.93
N LEU A 221 -8.42 3.46 -17.72
CA LEU A 221 -7.35 2.66 -17.13
C LEU A 221 -7.16 1.30 -17.82
N ASN A 222 -8.09 0.92 -18.69
CA ASN A 222 -8.03 -0.37 -19.37
C ASN A 222 -6.72 -0.69 -20.09
N GLN A 223 -6.13 0.28 -20.78
CA GLN A 223 -4.87 0.02 -21.47
C GLN A 223 -3.76 -0.20 -20.47
N PHE A 224 -4.02 0.16 -19.22
CA PHE A 224 -3.02 0.07 -18.15
C PHE A 224 -3.22 -1.09 -17.17
N VAL A 225 -4.20 -1.95 -17.43
CA VAL A 225 -4.46 -3.10 -16.57
C VAL A 225 -3.60 -4.27 -17.04
N ASP A 226 -2.90 -4.93 -16.12
CA ASP A 226 -2.08 -6.08 -16.50
C ASP A 226 -2.12 -7.06 -15.36
N HIS A 227 -2.99 -8.06 -15.48
CA HIS A 227 -3.11 -9.07 -14.45
C HIS A 227 -2.20 -10.26 -14.75
N GLU A 228 -1.41 -10.16 -15.81
CA GLU A 228 -0.54 -11.28 -16.14
C GLU A 228 0.90 -11.06 -15.63
N LYS A 229 1.49 -9.94 -15.98
CA LYS A 229 2.89 -9.69 -15.62
C LYS A 229 3.06 -9.15 -14.21
N ILE A 230 4.16 -9.57 -13.55
CA ILE A 230 4.53 -9.04 -12.21
C ILE A 230 5.77 -8.20 -12.53
N TYR A 231 5.66 -6.88 -12.39
CA TYR A 231 6.76 -5.97 -12.69
C TYR A 231 7.79 -6.03 -11.57
N ARG A 232 9.04 -6.31 -11.92
CA ARG A 232 10.11 -6.49 -10.96
C ARG A 232 10.88 -5.21 -10.84
N MET A 233 10.72 -4.55 -9.71
CA MET A 233 11.36 -3.28 -9.48
C MET A 233 12.61 -3.44 -8.63
MG MG B . 4.86 -5.75 3.91
S SO4 C . 2.48 -1.43 8.05
O1 SO4 C . 2.15 -2.62 7.54
O2 SO4 C . 1.25 -0.57 8.07
O3 SO4 C . 3.54 -0.69 7.28
O4 SO4 C . 3.04 -1.51 9.51
#